data_5K63
#
_entry.id   5K63
#
_cell.length_a   134.355
_cell.length_b   134.355
_cell.length_c   119.792
_cell.angle_alpha   90.00
_cell.angle_beta   90.00
_cell.angle_gamma   90.00
#
_symmetry.space_group_name_H-M   'I 41 2 2'
#
loop_
_entity.id
_entity.type
_entity.pdbx_description
1 polymer Nta1p
2 non-polymer ASPARAGINE
3 non-polymer GLYCINE
4 water water
#
_entity_poly.entity_id   1
_entity_poly.type   'polypeptide(L)'
_entity_poly.pdbx_seq_one_letter_code
;GSMLIDAIHGAKMSTKLLVSLKVLVIQLNPQIGQVDQTIKRTWSILDKVTKSATYVKPDIILFPEFALTGYSFHARKDIL
PYVTKKDEGPSFELAKSISEKFQCYTIIGYPEEDDEQKLYNSALVVNPQGGQIFNYRKTFLYDTEMNWDCEENPEGFQTF
PMDFSKCAKLSNEDSYNRDVTLKASIGISMDLSPYKFMAPFNHFEFSSFCVDNNVELILCPMAWLNSTSITDKQTLHNNS
LLEAAKNKIAFALKEQGLPLAGSQGIYQLKIGDSQRTPRVPSDDSTSEYKDMDEPDMSNVNYWILRFFPFLYFKLRINWF
KNSSLIESILGKTRMPLDHEYYKDGKHKEDTIDLLDSEEVIKDTVLEKTFLGTSLGQPWKFQGKNAILVLANRCGTEDGT
TIFAGSSGIYKFNGKKPKGSQDDDESSLDSLNESVELLGNLGKGLEGAILREVQFEVFR
;
_entity_poly.pdbx_strand_id   A
#
# COMPACT_ATOMS: atom_id res chain seq x y z
N THR A 15 10.50 4.25 -26.90
CA THR A 15 11.46 3.18 -26.58
C THR A 15 10.99 2.31 -25.42
N LYS A 16 10.80 1.02 -25.70
CA LYS A 16 10.41 0.06 -24.69
C LYS A 16 11.61 -0.45 -23.90
N LEU A 17 11.44 -0.57 -22.59
CA LEU A 17 12.53 -0.97 -21.71
C LEU A 17 12.07 -2.05 -20.74
N LEU A 18 12.66 -3.23 -20.85
CA LEU A 18 12.28 -4.35 -19.99
C LEU A 18 13.00 -4.28 -18.63
N VAL A 19 12.21 -4.16 -17.57
CA VAL A 19 12.76 -4.04 -16.22
C VAL A 19 12.55 -5.34 -15.43
N SER A 20 13.49 -5.64 -14.53
CA SER A 20 13.36 -6.77 -13.63
C SER A 20 13.73 -6.34 -12.22
N LEU A 21 12.83 -6.58 -11.27
CA LEU A 21 13.02 -6.14 -9.90
C LEU A 21 12.78 -7.29 -8.94
N LYS A 22 13.68 -7.44 -7.98
CA LYS A 22 13.49 -8.44 -6.94
C LYS A 22 12.91 -7.77 -5.72
N VAL A 23 11.69 -8.14 -5.39
CA VAL A 23 10.89 -7.42 -4.42
C VAL A 23 10.62 -8.25 -3.16
N LEU A 24 11.01 -7.72 -2.02
CA LEU A 24 10.78 -8.42 -0.76
C LEU A 24 9.78 -7.67 0.13
N VAL A 25 8.76 -8.38 0.60
CA VAL A 25 7.82 -7.80 1.57
C VAL A 25 7.94 -8.46 2.95
N ILE A 26 8.08 -7.65 3.99
CA ILE A 26 8.10 -8.16 5.35
C ILE A 26 6.76 -7.89 6.03
N GLN A 27 6.17 -8.92 6.60
CA GLN A 27 4.90 -8.82 7.29
C GLN A 27 5.10 -9.03 8.78
N LEU A 28 4.77 -8.02 9.58
CA LEU A 28 5.02 -8.09 11.03
C LEU A 28 3.74 -7.96 11.86
N ASN A 29 3.79 -8.41 13.11
CA ASN A 29 2.74 -8.17 14.08
C ASN A 29 3.30 -7.40 15.26
N PRO A 30 3.56 -6.09 15.07
CA PRO A 30 4.12 -5.27 16.14
C PRO A 30 3.08 -4.96 17.20
N GLN A 31 3.48 -4.97 18.47
CA GLN A 31 2.60 -4.55 19.54
C GLN A 31 3.22 -3.36 20.28
N ILE A 32 2.37 -2.44 20.72
CA ILE A 32 2.82 -1.24 21.41
C ILE A 32 3.74 -1.57 22.58
N GLY A 33 4.92 -0.95 22.61
CA GLY A 33 5.88 -1.16 23.68
C GLY A 33 6.80 -2.36 23.47
N GLN A 34 6.86 -2.88 22.24
CA GLN A 34 7.71 -4.03 21.94
C GLN A 34 8.69 -3.76 20.81
N VAL A 35 8.99 -2.48 20.59
CA VAL A 35 9.92 -2.04 19.54
C VAL A 35 11.18 -2.90 19.45
N ASP A 36 11.91 -3.04 20.56
CA ASP A 36 13.14 -3.83 20.56
C ASP A 36 12.89 -5.29 20.18
N GLN A 37 11.86 -5.91 20.76
CA GLN A 37 11.54 -7.30 20.44
C GLN A 37 11.18 -7.43 18.96
N THR A 38 10.46 -6.44 18.45
CA THR A 38 10.03 -6.47 17.05
C THR A 38 11.23 -6.32 16.12
N ILE A 39 12.17 -5.48 16.53
CA ILE A 39 13.40 -5.33 15.78
C ILE A 39 14.20 -6.63 15.75
N LYS A 40 14.23 -7.34 16.86
CA LYS A 40 14.95 -8.62 16.87
C LYS A 40 14.26 -9.64 15.96
N ARG A 41 12.92 -9.67 15.99
CA ARG A 41 12.21 -10.64 15.15
C ARG A 41 12.43 -10.31 13.67
N THR A 42 12.64 -9.03 13.36
CA THR A 42 12.91 -8.61 12.00
C THR A 42 14.25 -9.17 11.50
N TRP A 43 15.29 -9.04 12.32
CA TRP A 43 16.60 -9.56 11.92
C TRP A 43 16.55 -11.08 11.83
N SER A 44 15.81 -11.70 12.73
CA SER A 44 15.57 -13.14 12.64
C SER A 44 14.90 -13.51 11.31
N ILE A 45 13.87 -12.75 10.91
CA ILE A 45 13.18 -13.03 9.65
C ILE A 45 14.12 -12.84 8.45
N LEU A 46 14.87 -11.75 8.47
CA LEU A 46 15.82 -11.44 7.39
C LEU A 46 16.93 -12.48 7.27
N ASP A 47 17.35 -13.02 8.42
CA ASP A 47 18.37 -14.05 8.42
C ASP A 47 17.86 -15.30 7.71
N LYS A 48 16.67 -15.76 8.10
CA LYS A 48 16.06 -16.93 7.48
C LYS A 48 15.91 -16.74 5.98
N VAL A 49 15.50 -15.55 5.56
CA VAL A 49 15.27 -15.25 4.15
C VAL A 49 16.54 -15.52 3.33
N THR A 50 17.67 -14.98 3.77
CA THR A 50 18.94 -15.16 3.07
C THR A 50 19.43 -16.61 3.09
N LYS A 51 18.79 -17.43 3.92
CA LYS A 51 19.10 -18.84 4.00
C LYS A 51 18.13 -19.67 3.17
N SER A 52 17.27 -18.99 2.42
CA SER A 52 16.31 -19.71 1.56
C SER A 52 17.01 -20.37 0.39
N ALA A 53 16.49 -21.52 -0.02
CA ALA A 53 17.05 -22.28 -1.13
C ALA A 53 17.03 -21.47 -2.42
N THR A 54 15.94 -20.74 -2.63
CA THR A 54 15.79 -19.94 -3.84
C THR A 54 15.88 -18.45 -3.53
N TYR A 55 16.82 -18.08 -2.68
CA TYR A 55 16.99 -16.68 -2.31
C TYR A 55 17.79 -15.90 -3.35
N VAL A 56 17.37 -14.65 -3.57
CA VAL A 56 18.10 -13.70 -4.41
C VAL A 56 18.03 -12.32 -3.76
N LYS A 57 19.08 -11.51 -3.94
CA LYS A 57 19.14 -10.21 -3.29
C LYS A 57 18.04 -9.29 -3.81
N PRO A 58 17.21 -8.78 -2.89
CA PRO A 58 16.13 -7.87 -3.27
C PRO A 58 16.65 -6.49 -3.68
N ASP A 59 15.95 -5.84 -4.61
CA ASP A 59 16.25 -4.46 -4.95
C ASP A 59 15.47 -3.50 -4.06
N ILE A 60 14.31 -3.94 -3.57
CA ILE A 60 13.52 -3.13 -2.67
C ILE A 60 12.88 -3.98 -1.57
N ILE A 61 12.86 -3.46 -0.36
CA ILE A 61 12.23 -4.13 0.77
C ILE A 61 11.16 -3.23 1.37
N LEU A 62 9.97 -3.77 1.58
CA LEU A 62 8.86 -2.94 2.08
C LEU A 62 8.31 -3.45 3.40
N PHE A 63 8.12 -2.54 4.34
CA PHE A 63 7.53 -2.85 5.65
C PHE A 63 6.11 -2.28 5.76
N PRO A 64 5.32 -2.78 6.73
CA PRO A 64 3.96 -2.27 6.92
C PRO A 64 3.90 -0.87 7.53
N GLU A 65 2.69 -0.32 7.58
CA GLU A 65 2.42 0.92 8.28
C GLU A 65 2.75 0.74 9.76
N PHE A 66 3.42 1.73 10.36
CA PHE A 66 3.86 1.65 11.75
C PHE A 66 4.47 0.28 12.11
N ALA A 67 5.46 -0.13 11.32
CA ALA A 67 6.01 -1.48 11.37
C ALA A 67 6.65 -1.91 12.69
N LEU A 68 7.25 -0.98 13.44
CA LEU A 68 7.93 -1.41 14.67
C LEU A 68 7.19 -1.03 15.96
N THR A 69 6.24 -0.12 15.86
CA THR A 69 5.69 0.52 17.04
C THR A 69 4.33 -0.02 17.52
N GLY A 70 3.56 -0.64 16.64
CA GLY A 70 2.17 -0.94 16.93
C GLY A 70 1.34 0.17 16.33
N TYR A 71 0.03 0.02 16.27
CA TYR A 71 -0.78 0.98 15.52
C TYR A 71 -1.84 1.73 16.33
N SER A 72 -2.47 1.05 17.29
CA SER A 72 -3.69 1.58 17.86
C SER A 72 -3.44 2.46 19.07
N PHE A 73 -2.88 3.64 18.83
CA PHE A 73 -2.61 4.62 19.87
C PHE A 73 -3.85 5.43 20.17
N HIS A 74 -4.18 5.59 21.45
CA HIS A 74 -5.45 6.20 21.83
C HIS A 74 -5.29 7.67 22.24
N ALA A 75 -4.06 8.07 22.55
CA ALA A 75 -3.82 9.44 22.97
C ALA A 75 -2.43 9.91 22.55
N ARG A 76 -2.27 11.20 22.34
CA ARG A 76 -1.01 11.77 21.90
C ARG A 76 0.15 11.39 22.81
N LYS A 77 -0.08 11.47 24.12
CA LYS A 77 0.95 11.11 25.11
C LYS A 77 1.38 9.64 25.03
N ASP A 78 0.56 8.80 24.39
CA ASP A 78 0.89 7.38 24.28
C ASP A 78 1.83 7.11 23.12
N ILE A 79 1.72 7.92 22.08
CA ILE A 79 2.55 7.72 20.89
C ILE A 79 3.82 8.55 20.97
N LEU A 80 3.81 9.58 21.81
CA LEU A 80 4.97 10.45 21.95
C LEU A 80 6.25 9.67 22.26
N PRO A 81 6.17 8.68 23.16
CA PRO A 81 7.38 7.91 23.45
C PRO A 81 7.95 7.14 22.25
N TYR A 82 7.25 7.11 21.11
CA TYR A 82 7.73 6.30 19.98
C TYR A 82 7.91 7.12 18.70
N VAL A 83 7.54 8.39 18.72
CA VAL A 83 7.74 9.24 17.55
C VAL A 83 9.23 9.52 17.34
N THR A 84 9.60 9.83 16.11
CA THR A 84 10.98 10.18 15.79
C THR A 84 11.01 11.18 14.64
N LYS A 85 12.16 11.83 14.48
CA LYS A 85 12.41 12.65 13.30
C LYS A 85 12.59 11.71 12.10
N LYS A 86 12.42 12.26 10.90
CA LYS A 86 12.43 11.43 9.71
C LYS A 86 13.79 10.79 9.45
N ASP A 87 14.85 11.34 10.04
CA ASP A 87 16.20 10.82 9.80
C ASP A 87 16.91 10.42 11.08
N GLU A 88 16.14 10.18 12.13
CA GLU A 88 16.71 9.64 13.36
C GLU A 88 15.79 8.57 13.90
N GLY A 89 16.30 7.72 14.78
CA GLY A 89 15.46 6.80 15.50
C GLY A 89 15.51 5.37 14.99
N PRO A 90 14.82 4.48 15.71
CA PRO A 90 14.92 3.03 15.47
C PRO A 90 14.50 2.61 14.07
N SER A 91 13.42 3.18 13.54
CA SER A 91 12.94 2.78 12.22
C SER A 91 13.89 3.21 11.13
N PHE A 92 14.41 4.42 11.25
CA PHE A 92 15.36 4.92 10.29
C PHE A 92 16.68 4.13 10.35
N GLU A 93 17.13 3.84 11.56
CA GLU A 93 18.38 3.11 11.76
C GLU A 93 18.24 1.69 11.23
N LEU A 94 17.11 1.05 11.55
CA LEU A 94 16.80 -0.26 10.99
C LEU A 94 16.83 -0.24 9.46
N ALA A 95 16.18 0.77 8.88
CA ALA A 95 16.08 0.87 7.43
C ALA A 95 17.46 1.11 6.81
N LYS A 96 18.26 1.94 7.48
CA LYS A 96 19.60 2.27 7.02
C LYS A 96 20.50 1.04 7.03
N SER A 97 20.45 0.27 8.11
CA SER A 97 21.24 -0.96 8.21
C SER A 97 20.80 -2.00 7.18
N ILE A 98 19.50 -2.12 6.98
CA ILE A 98 19.00 -3.11 6.02
C ILE A 98 19.49 -2.75 4.63
N SER A 99 19.30 -1.48 4.27
CA SER A 99 19.69 -0.98 2.96
C SER A 99 21.18 -1.16 2.66
N GLU A 100 22.00 -1.03 3.70
CA GLU A 100 23.45 -1.15 3.53
C GLU A 100 23.87 -2.61 3.44
N LYS A 101 23.22 -3.47 4.22
CA LYS A 101 23.53 -4.88 4.22
C LYS A 101 22.97 -5.61 3.00
N PHE A 102 22.06 -4.99 2.29
CA PHE A 102 21.45 -5.63 1.12
C PHE A 102 21.64 -4.79 -0.13
N GLN A 103 22.21 -3.60 0.04
CA GLN A 103 22.42 -2.69 -1.08
C GLN A 103 21.09 -2.50 -1.82
N CYS A 104 20.04 -2.22 -1.06
CA CYS A 104 18.70 -2.08 -1.63
C CYS A 104 18.01 -0.82 -1.14
N TYR A 105 16.82 -0.56 -1.69
CA TYR A 105 15.94 0.46 -1.11
C TYR A 105 15.14 -0.16 0.02
N THR A 106 14.96 0.58 1.10
CA THR A 106 14.15 0.10 2.21
C THR A 106 13.07 1.13 2.52
N ILE A 107 11.82 0.70 2.54
CA ILE A 107 10.70 1.56 2.90
C ILE A 107 10.01 1.04 4.15
N ILE A 108 9.87 1.89 5.15
CA ILE A 108 9.23 1.46 6.38
C ILE A 108 8.33 2.55 6.94
N GLY A 109 7.21 2.14 7.55
CA GLY A 109 6.27 3.08 8.12
C GLY A 109 6.57 3.31 9.59
N TYR A 110 6.54 4.57 10.01
CA TYR A 110 6.86 4.94 11.38
C TYR A 110 6.07 6.17 11.81
N PRO A 111 5.89 6.36 13.11
CA PRO A 111 5.28 7.60 13.62
C PRO A 111 6.30 8.75 13.67
N GLU A 112 6.03 9.83 12.94
CA GLU A 112 6.97 10.92 12.75
C GLU A 112 6.63 12.23 13.49
N GLU A 113 7.68 12.92 13.92
CA GLU A 113 7.56 14.25 14.49
C GLU A 113 8.49 15.20 13.75
N ASP A 114 8.02 16.39 13.37
CA ASP A 114 8.89 17.36 12.71
C ASP A 114 9.40 18.40 13.72
N ASP A 115 10.28 19.29 13.24
CA ASP A 115 10.90 20.27 14.11
C ASP A 115 9.86 21.17 14.77
N GLU A 116 8.70 21.31 14.13
CA GLU A 116 7.61 22.13 14.65
C GLU A 116 6.72 21.38 15.63
N GLN A 117 7.15 20.21 16.08
CA GLN A 117 6.37 19.38 17.00
C GLN A 117 5.04 18.86 16.41
N LYS A 118 4.96 18.81 15.08
CA LYS A 118 3.78 18.28 14.41
C LYS A 118 3.91 16.77 14.18
N LEU A 119 2.81 16.04 14.40
CA LEU A 119 2.83 14.57 14.28
C LEU A 119 2.24 14.04 12.97
N TYR A 120 2.96 13.13 12.31
CA TYR A 120 2.47 12.51 11.08
C TYR A 120 2.50 10.97 11.13
N ASN A 121 1.74 10.35 10.24
CA ASN A 121 1.84 8.92 9.98
C ASN A 121 2.66 8.77 8.70
N SER A 122 3.85 8.19 8.81
CA SER A 122 4.83 8.33 7.72
C SER A 122 5.54 7.07 7.25
N ALA A 123 6.13 7.18 6.07
CA ALA A 123 6.91 6.11 5.47
C ALA A 123 8.22 6.68 4.91
N LEU A 124 9.35 6.24 5.43
CA LEU A 124 10.62 6.77 4.97
C LEU A 124 11.28 5.84 3.98
N VAL A 125 12.05 6.40 3.06
CA VAL A 125 12.72 5.63 2.02
C VAL A 125 14.24 5.83 2.08
N VAL A 126 14.96 4.71 2.12
CA VAL A 126 16.42 4.74 2.20
C VAL A 126 17.02 4.09 0.95
N ASN A 127 18.04 4.72 0.38
CA ASN A 127 18.67 4.18 -0.82
C ASN A 127 19.74 3.16 -0.44
N PRO A 128 20.33 2.49 -1.45
CA PRO A 128 21.35 1.46 -1.16
C PRO A 128 22.58 2.05 -0.47
N GLN A 129 22.84 3.33 -0.68
CA GLN A 129 23.97 3.99 -0.01
C GLN A 129 23.67 4.23 1.46
N GLY A 130 22.43 3.95 1.86
CA GLY A 130 22.02 4.12 3.24
C GLY A 130 21.63 5.54 3.59
N GLY A 131 21.24 6.31 2.58
CA GLY A 131 20.79 7.67 2.79
C GLY A 131 19.30 7.81 2.52
N GLN A 132 18.64 8.68 3.29
CA GLN A 132 17.22 8.90 3.11
C GLN A 132 16.90 9.80 1.93
N ILE A 133 16.24 9.23 0.91
CA ILE A 133 15.91 10.00 -0.29
C ILE A 133 14.47 10.49 -0.31
N PHE A 134 13.65 10.05 0.64
CA PHE A 134 12.25 10.46 0.64
C PHE A 134 11.52 10.15 1.95
N ASN A 135 10.45 10.89 2.20
CA ASN A 135 9.64 10.71 3.39
C ASN A 135 8.20 11.06 3.03
N TYR A 136 7.36 10.05 2.89
CA TYR A 136 5.96 10.29 2.54
C TYR A 136 5.11 10.36 3.79
N ARG A 137 4.09 11.21 3.76
CA ARG A 137 3.19 11.32 4.89
C ARG A 137 1.79 10.93 4.50
N LYS A 138 1.11 10.23 5.39
CA LYS A 138 -0.23 9.74 5.13
C LYS A 138 -1.16 10.92 4.80
N THR A 139 -1.93 10.74 3.73
CA THR A 139 -2.74 11.81 3.14
C THR A 139 -4.21 11.74 3.57
N PHE A 140 -4.78 10.54 3.52
CA PHE A 140 -6.13 10.28 4.05
C PHE A 140 -6.01 9.60 5.42
N LEU A 141 -6.49 10.25 6.47
CA LEU A 141 -6.35 9.70 7.80
C LEU A 141 -7.53 8.80 8.20
N TYR A 142 -7.24 7.83 9.06
CA TYR A 142 -8.26 6.95 9.62
C TYR A 142 -8.57 7.44 11.03
N ASP A 143 -9.66 6.96 11.63
CA ASP A 143 -10.08 7.40 12.97
C ASP A 143 -8.96 7.32 14.02
N THR A 144 -8.23 6.22 14.02
CA THR A 144 -7.14 6.02 14.97
C THR A 144 -6.17 7.21 14.98
N GLU A 145 -5.82 7.69 13.80
CA GLU A 145 -4.91 8.83 13.70
C GLU A 145 -5.46 10.07 14.38
N MET A 146 -6.78 10.20 14.42
CA MET A 146 -7.39 11.37 15.03
C MET A 146 -7.23 11.36 16.56
N ASN A 147 -7.01 10.18 17.14
CA ASN A 147 -6.82 10.06 18.58
C ASN A 147 -5.56 10.74 19.09
N TRP A 148 -4.56 10.89 18.23
CA TRP A 148 -3.31 11.51 18.67
C TRP A 148 -2.91 12.71 17.84
N ASP A 149 -3.90 13.42 17.30
CA ASP A 149 -3.67 14.71 16.64
C ASP A 149 -2.71 14.59 15.45
N CYS A 150 -2.84 13.50 14.70
CA CYS A 150 -2.05 13.31 13.49
C CYS A 150 -2.45 14.32 12.40
N GLU A 151 -1.47 14.74 11.60
CA GLU A 151 -1.71 15.70 10.51
C GLU A 151 -1.94 15.01 9.17
N GLU A 152 -2.68 15.67 8.30
CA GLU A 152 -2.74 15.27 6.89
C GLU A 152 -1.47 15.75 6.19
N ASN A 153 -0.95 14.93 5.28
CA ASN A 153 0.16 15.38 4.45
C ASN A 153 -0.25 16.64 3.68
N PRO A 154 0.41 17.76 3.97
CA PRO A 154 0.05 19.01 3.31
C PRO A 154 0.37 19.01 1.81
N GLU A 155 1.23 18.09 1.37
CA GLU A 155 1.55 17.97 -0.05
C GLU A 155 0.56 17.07 -0.79
N GLY A 156 -0.33 16.41 -0.06
CA GLY A 156 -1.24 15.45 -0.67
C GLY A 156 -0.45 14.29 -1.27
N PHE A 157 -1.08 13.51 -2.14
CA PHE A 157 -0.40 12.39 -2.78
C PHE A 157 0.87 12.86 -3.51
N GLN A 158 1.93 12.06 -3.45
CA GLN A 158 3.22 12.45 -4.05
C GLN A 158 3.86 11.33 -4.86
N THR A 159 4.76 11.72 -5.76
CA THR A 159 5.58 10.76 -6.49
C THR A 159 7.05 11.11 -6.32
N PHE A 160 7.92 10.17 -6.68
CA PHE A 160 9.35 10.36 -6.57
C PHE A 160 10.05 9.29 -7.40
N PRO A 161 11.26 9.59 -7.87
CA PRO A 161 12.06 8.67 -8.70
C PRO A 161 12.84 7.67 -7.85
N MET A 162 13.08 6.49 -8.41
CA MET A 162 13.89 5.49 -7.74
C MET A 162 14.89 4.92 -8.75
N ASP A 163 16.18 5.21 -8.51
CA ASP A 163 17.24 4.73 -9.37
C ASP A 163 17.56 3.27 -9.11
N PHE A 164 17.35 2.42 -10.10
CA PHE A 164 17.71 1.02 -9.95
C PHE A 164 18.87 0.66 -10.89
N SER A 165 19.85 -0.06 -10.34
CA SER A 165 21.03 -0.50 -11.07
C SER A 165 20.88 -1.92 -11.58
N LYS A 166 21.24 -2.14 -12.83
CA LYS A 166 21.21 -3.50 -13.40
C LYS A 166 19.82 -4.13 -13.26
N CYS A 167 18.80 -3.40 -13.68
CA CYS A 167 17.45 -3.94 -13.64
C CYS A 167 16.83 -3.91 -15.04
N ALA A 168 17.39 -3.08 -15.91
CA ALA A 168 16.76 -2.79 -17.18
C ALA A 168 17.54 -3.31 -18.39
N LYS A 169 16.83 -3.44 -19.50
CA LYS A 169 17.43 -3.93 -20.74
C LYS A 169 16.49 -3.65 -21.92
N LEU A 170 17.07 -3.54 -23.12
CA LEU A 170 16.26 -3.49 -24.33
C LEU A 170 15.73 -4.88 -24.60
N SER A 171 14.66 -4.97 -25.37
CA SER A 171 14.03 -6.27 -25.63
C SER A 171 14.96 -7.18 -26.43
N ASN A 172 15.92 -6.58 -27.12
CA ASN A 172 16.90 -7.33 -27.90
C ASN A 172 17.92 -8.04 -27.01
N GLU A 173 18.28 -7.39 -25.91
CA GLU A 173 19.36 -7.84 -25.04
C GLU A 173 19.02 -9.11 -24.25
N ASP A 174 20.06 -9.83 -23.84
CA ASP A 174 19.90 -11.11 -23.17
C ASP A 174 20.18 -11.05 -21.66
N SER A 175 20.52 -9.86 -21.16
CA SER A 175 20.67 -9.68 -19.72
C SER A 175 20.23 -8.29 -19.26
N TYR A 176 19.89 -8.19 -17.98
CA TYR A 176 19.45 -6.93 -17.38
C TYR A 176 20.64 -6.12 -16.89
N ASN A 177 21.35 -5.49 -17.82
CA ASN A 177 22.59 -4.80 -17.51
C ASN A 177 22.49 -3.29 -17.65
N ARG A 178 21.27 -2.77 -17.49
CA ARG A 178 21.02 -1.33 -17.62
C ARG A 178 20.43 -0.73 -16.36
N ASP A 179 20.61 0.58 -16.19
CA ASP A 179 20.03 1.30 -15.08
C ASP A 179 18.72 1.96 -15.48
N VAL A 180 17.77 2.02 -14.55
CA VAL A 180 16.48 2.65 -14.85
C VAL A 180 15.92 3.43 -13.66
N THR A 181 15.43 4.63 -13.94
CA THR A 181 14.73 5.43 -12.94
C THR A 181 13.22 5.26 -13.06
N LEU A 182 12.63 4.58 -12.08
CA LEU A 182 11.20 4.34 -12.04
C LEU A 182 10.48 5.46 -11.29
N LYS A 183 9.30 5.81 -11.77
CA LYS A 183 8.47 6.76 -11.07
C LYS A 183 7.66 5.99 -10.03
N ALA A 184 7.85 6.33 -8.77
CA ALA A 184 7.25 5.58 -7.70
C ALA A 184 6.24 6.44 -6.95
N SER A 185 5.33 5.78 -6.23
CA SER A 185 4.41 6.45 -5.34
C SER A 185 4.17 5.60 -4.12
N ILE A 186 4.05 6.25 -2.96
CA ILE A 186 3.72 5.55 -1.74
C ILE A 186 2.32 5.95 -1.26
N GLY A 187 1.50 4.95 -0.97
CA GLY A 187 0.20 5.19 -0.39
C GLY A 187 0.06 4.38 0.88
N ILE A 188 -0.20 5.06 2.00
CA ILE A 188 -0.38 4.36 3.27
C ILE A 188 -1.87 4.06 3.51
N SER A 189 -2.18 2.78 3.70
CA SER A 189 -3.54 2.22 3.94
C SER A 189 -4.76 3.07 3.53
N MET A 190 -5.25 3.91 4.43
CA MET A 190 -6.45 4.73 4.20
C MET A 190 -6.38 5.61 2.93
N ASP A 191 -5.18 5.84 2.40
CA ASP A 191 -5.03 6.58 1.15
C ASP A 191 -5.83 5.94 0.03
N LEU A 192 -6.03 4.63 0.12
CA LEU A 192 -6.74 3.87 -0.90
C LEU A 192 -8.26 4.02 -0.80
N SER A 193 -8.72 4.38 0.39
CA SER A 193 -10.16 4.53 0.65
C SER A 193 -10.67 5.84 0.08
N PRO A 194 -11.99 5.94 -0.10
CA PRO A 194 -12.61 7.25 -0.38
C PRO A 194 -12.36 8.19 0.78
N TYR A 195 -12.10 9.47 0.51
CA TYR A 195 -11.81 10.45 1.54
C TYR A 195 -12.80 10.40 2.70
N LYS A 196 -12.27 10.16 3.89
CA LYS A 196 -13.06 10.09 5.13
C LYS A 196 -14.21 9.08 5.08
N PHE A 197 -14.18 8.19 4.09
CA PHE A 197 -15.27 7.23 3.86
C PHE A 197 -16.59 7.94 3.49
N MET A 198 -16.53 9.25 3.27
CA MET A 198 -17.73 10.00 2.91
C MET A 198 -17.75 10.33 1.41
N ALA A 199 -16.58 10.47 0.82
CA ALA A 199 -16.46 10.76 -0.60
C ALA A 199 -17.05 9.63 -1.43
N PRO A 200 -17.47 9.95 -2.66
CA PRO A 200 -18.01 8.95 -3.58
C PRO A 200 -17.00 7.84 -3.86
N PHE A 201 -17.48 6.61 -3.93
CA PHE A 201 -16.64 5.44 -4.18
C PHE A 201 -15.93 5.53 -5.53
N ASN A 202 -16.59 6.14 -6.51
CA ASN A 202 -16.10 6.17 -7.88
C ASN A 202 -14.93 7.12 -8.11
N HIS A 203 -14.62 7.93 -7.11
CA HIS A 203 -13.51 8.86 -7.25
C HIS A 203 -12.17 8.14 -7.36
N PHE A 204 -11.99 7.07 -6.58
CA PHE A 204 -10.74 6.33 -6.57
C PHE A 204 -9.55 7.27 -6.53
N GLU A 205 -9.47 8.09 -5.49
CA GLU A 205 -8.51 9.17 -5.46
C GLU A 205 -7.05 8.73 -5.71
N PHE A 206 -6.55 7.78 -4.92
CA PHE A 206 -5.13 7.42 -4.99
C PHE A 206 -4.76 6.71 -6.28
N SER A 207 -5.57 5.75 -6.70
CA SER A 207 -5.27 5.00 -7.91
C SER A 207 -5.42 5.90 -9.14
N SER A 208 -6.31 6.89 -9.05
CA SER A 208 -6.46 7.85 -10.11
C SER A 208 -5.21 8.72 -10.20
N PHE A 209 -4.79 9.23 -9.05
CA PHE A 209 -3.55 9.98 -8.96
C PHE A 209 -2.38 9.22 -9.58
N CYS A 210 -2.32 7.91 -9.35
CA CYS A 210 -1.18 7.13 -9.84
C CYS A 210 -1.26 6.97 -11.35
N VAL A 211 -2.45 6.73 -11.86
CA VAL A 211 -2.64 6.60 -13.30
C VAL A 211 -2.41 7.93 -14.01
N ASP A 212 -2.87 9.04 -13.42
CA ASP A 212 -2.69 10.37 -14.00
C ASP A 212 -1.22 10.72 -14.13
N ASN A 213 -0.47 10.46 -13.07
CA ASN A 213 0.96 10.80 -13.02
C ASN A 213 1.86 9.74 -13.61
N ASN A 214 1.26 8.72 -14.22
CA ASN A 214 2.04 7.65 -14.85
C ASN A 214 2.98 6.92 -13.90
N VAL A 215 2.54 6.71 -12.67
CA VAL A 215 3.34 5.99 -11.69
C VAL A 215 3.59 4.56 -12.17
N GLU A 216 4.80 4.06 -11.98
CA GLU A 216 5.14 2.71 -12.42
C GLU A 216 5.27 1.74 -11.26
N LEU A 217 5.64 2.26 -10.10
CA LEU A 217 5.85 1.42 -8.94
C LEU A 217 5.04 1.97 -7.78
N ILE A 218 4.06 1.18 -7.33
CA ILE A 218 3.14 1.61 -6.26
C ILE A 218 3.40 0.80 -4.98
N LEU A 219 3.73 1.52 -3.90
CA LEU A 219 4.17 0.90 -2.66
C LEU A 219 3.25 1.24 -1.50
N CYS A 220 2.63 0.23 -0.92
CA CYS A 220 1.63 0.48 0.12
C CYS A 220 1.91 -0.21 1.45
N PRO A 221 2.59 0.50 2.36
CA PRO A 221 2.61 0.06 3.76
C PRO A 221 1.19 0.17 4.31
N MET A 222 0.69 -0.87 4.97
CA MET A 222 -0.68 -0.85 5.48
C MET A 222 -0.85 -1.43 6.88
N ALA A 223 -1.88 -0.94 7.56
CA ALA A 223 -2.38 -1.59 8.75
C ALA A 223 -3.89 -1.80 8.56
N TRP A 224 -4.24 -2.61 7.57
CA TRP A 224 -5.61 -2.74 7.09
C TRP A 224 -6.41 -3.81 7.85
N LEU A 225 -7.67 -3.52 8.15
CA LEU A 225 -8.51 -4.39 8.96
C LEU A 225 -9.20 -5.54 8.23
N ASN A 226 -9.22 -6.69 8.88
CA ASN A 226 -10.13 -7.77 8.55
C ASN A 226 -11.53 -7.39 9.05
N SER A 227 -12.59 -7.78 8.32
CA SER A 227 -13.94 -7.27 8.62
C SER A 227 -14.53 -7.82 9.92
N THR A 228 -13.86 -8.81 10.52
CA THR A 228 -14.24 -9.35 11.82
C THR A 228 -14.03 -8.35 12.95
N SER A 229 -13.28 -7.28 12.68
CA SER A 229 -13.00 -6.24 13.67
C SER A 229 -14.26 -5.48 14.05
N ILE A 230 -14.25 -4.89 15.24
CA ILE A 230 -15.36 -4.05 15.68
C ILE A 230 -15.21 -2.62 15.20
N THR A 231 -16.13 -2.16 14.36
CA THR A 231 -16.03 -0.81 13.81
C THR A 231 -17.29 0.03 14.02
N ASP A 232 -18.41 -0.63 14.33
CA ASP A 232 -19.67 0.09 14.59
C ASP A 232 -19.52 1.08 15.74
N LYS A 233 -19.73 2.36 15.46
CA LYS A 233 -19.48 3.41 16.45
C LYS A 233 -20.35 3.35 17.71
N GLN A 234 -21.57 2.83 17.58
CA GLN A 234 -22.45 2.72 18.75
C GLN A 234 -22.02 1.56 19.64
N THR A 235 -21.44 0.53 19.04
CA THR A 235 -20.95 -0.59 19.82
C THR A 235 -19.74 -0.16 20.67
N LEU A 236 -18.82 0.57 20.06
CA LEU A 236 -17.63 1.01 20.77
C LEU A 236 -17.99 1.91 21.96
N HIS A 237 -19.10 2.64 21.86
CA HIS A 237 -19.46 3.59 22.90
C HIS A 237 -20.64 3.16 23.75
N ASN A 238 -20.94 1.85 23.71
CA ASN A 238 -21.92 1.23 24.60
C ASN A 238 -21.25 0.06 25.29
N ASN A 239 -20.71 0.30 26.49
CA ASN A 239 -19.91 -0.69 27.22
C ASN A 239 -20.58 -2.05 27.34
N SER A 240 -21.91 -2.08 27.28
CA SER A 240 -22.65 -3.33 27.27
C SER A 240 -22.43 -4.04 25.94
N LEU A 241 -22.61 -3.30 24.85
CA LEU A 241 -22.43 -3.86 23.51
C LEU A 241 -20.97 -4.18 23.20
N LEU A 242 -20.07 -3.34 23.69
CA LEU A 242 -18.63 -3.46 23.46
C LEU A 242 -18.05 -4.72 24.12
N GLU A 243 -18.34 -4.87 25.41
CA GLU A 243 -17.91 -6.05 26.17
C GLU A 243 -18.42 -7.34 25.54
N ALA A 244 -19.64 -7.31 25.00
CA ALA A 244 -20.19 -8.48 24.32
C ALA A 244 -19.49 -8.74 23.00
N ALA A 245 -19.10 -7.66 22.32
CA ALA A 245 -18.43 -7.74 21.03
C ALA A 245 -16.99 -8.28 21.17
N LYS A 246 -16.33 -7.92 22.27
CA LYS A 246 -14.97 -8.37 22.53
C LYS A 246 -14.90 -9.87 22.72
N ASN A 247 -15.81 -10.41 23.56
CA ASN A 247 -15.87 -11.85 23.80
C ASN A 247 -15.98 -12.65 22.51
N LYS A 248 -16.68 -12.09 21.53
CA LYS A 248 -16.84 -12.75 20.25
C LYS A 248 -15.49 -12.98 19.54
N ILE A 249 -14.61 -11.97 19.63
CA ILE A 249 -13.29 -12.03 18.99
C ILE A 249 -12.32 -12.93 19.75
N ALA A 250 -12.44 -12.93 21.07
CA ALA A 250 -11.67 -13.82 21.92
C ALA A 250 -11.88 -15.28 21.49
N PHE A 251 -13.13 -15.64 21.28
CA PHE A 251 -13.43 -17.01 20.86
C PHE A 251 -12.77 -17.34 19.52
N ALA A 252 -12.87 -16.41 18.58
CA ALA A 252 -12.33 -16.60 17.25
C ALA A 252 -10.84 -16.89 17.26
N LEU A 253 -10.10 -16.21 18.13
CA LEU A 253 -8.66 -16.40 18.24
C LEU A 253 -8.32 -17.67 19.04
N LYS A 254 -9.14 -17.99 20.03
CA LYS A 254 -8.90 -19.18 20.81
C LYS A 254 -9.10 -20.43 19.97
N GLU A 255 -10.12 -20.41 19.10
CA GLU A 255 -10.43 -21.58 18.27
C GLU A 255 -9.34 -21.81 17.23
N GLN A 256 -8.51 -20.80 17.01
CA GLN A 256 -7.36 -20.91 16.12
C GLN A 256 -6.10 -21.30 16.89
N GLY A 257 -6.25 -21.48 18.21
CA GLY A 257 -5.11 -21.75 19.06
C GLY A 257 -4.10 -20.61 19.02
N LEU A 258 -4.62 -19.39 19.17
CA LEU A 258 -3.75 -18.23 19.17
C LEU A 258 -4.06 -17.30 20.34
N PRO A 259 -3.03 -16.61 20.84
CA PRO A 259 -3.20 -15.61 21.89
C PRO A 259 -3.97 -14.41 21.34
N LEU A 260 -4.58 -13.62 22.21
CA LEU A 260 -5.43 -12.52 21.76
C LEU A 260 -4.70 -11.55 20.83
N ALA A 261 -3.40 -11.32 21.08
CA ALA A 261 -2.63 -10.40 20.24
C ALA A 261 -2.27 -11.02 18.89
N GLY A 262 -2.50 -12.31 18.74
CA GLY A 262 -2.21 -12.98 17.48
C GLY A 262 -0.83 -13.61 17.43
N SER A 263 -0.52 -14.25 16.32
CA SER A 263 0.75 -14.96 16.17
C SER A 263 1.94 -14.03 16.02
N GLN A 264 3.03 -14.39 16.70
CA GLN A 264 4.31 -13.71 16.56
C GLN A 264 5.44 -14.70 16.55
N GLY A 265 6.46 -14.43 15.76
CA GLY A 265 7.69 -15.22 15.82
C GLY A 265 7.62 -16.58 15.17
N ILE A 266 6.54 -16.85 14.44
CA ILE A 266 6.46 -18.05 13.63
C ILE A 266 6.34 -17.60 12.19
N TYR A 267 7.42 -17.76 11.43
CA TYR A 267 7.56 -17.07 10.16
C TYR A 267 7.12 -17.90 8.96
N GLN A 268 6.20 -17.34 8.19
CA GLN A 268 5.84 -17.91 6.90
C GLN A 268 6.70 -17.28 5.83
N LEU A 269 7.49 -18.10 5.15
CA LEU A 269 8.44 -17.60 4.17
C LEU A 269 8.11 -18.11 2.77
N LYS A 270 7.97 -17.19 1.83
CA LYS A 270 7.80 -17.53 0.43
C LYS A 270 8.86 -16.79 -0.37
N ILE A 271 10.08 -17.32 -0.34
CA ILE A 271 11.23 -16.61 -0.87
C ILE A 271 11.70 -17.18 -2.20
N GLY A 272 11.26 -16.56 -3.31
CA GLY A 272 11.76 -16.94 -4.61
C GLY A 272 10.88 -17.91 -5.38
N ASP A 273 9.91 -18.54 -4.74
CA ASP A 273 8.99 -19.41 -5.45
C ASP A 273 8.13 -18.59 -6.41
N SER A 274 7.33 -19.26 -7.23
CA SER A 274 6.45 -18.57 -8.17
C SER A 274 5.01 -18.97 -7.95
N GLN A 275 4.74 -19.47 -6.76
CA GLN A 275 3.39 -19.81 -6.38
C GLN A 275 2.50 -18.56 -6.44
N ARG A 276 1.56 -18.55 -7.38
CA ARG A 276 0.64 -17.44 -7.54
C ARG A 276 -0.57 -17.64 -6.63
N THR A 277 -1.32 -16.57 -6.43
CA THR A 277 -2.54 -16.63 -5.63
C THR A 277 -3.76 -16.91 -6.50
N PRO A 278 -4.61 -17.84 -6.06
CA PRO A 278 -5.81 -18.25 -6.81
C PRO A 278 -6.87 -17.16 -6.89
N ARG A 279 -7.35 -16.90 -8.10
CA ARG A 279 -8.39 -15.92 -8.30
C ARG A 279 -9.68 -16.44 -7.71
N VAL A 280 -10.31 -15.63 -6.88
CA VAL A 280 -11.49 -16.04 -6.14
C VAL A 280 -12.40 -14.85 -5.92
N PRO A 281 -13.72 -15.06 -6.04
CA PRO A 281 -14.75 -14.06 -5.75
C PRO A 281 -14.98 -13.96 -4.25
N SER A 282 -15.54 -12.84 -3.80
CA SER A 282 -15.84 -12.67 -2.38
C SER A 282 -17.22 -13.24 -2.04
N ASP A 283 -17.28 -14.01 -0.96
CA ASP A 283 -18.54 -14.50 -0.44
C ASP A 283 -18.60 -14.26 1.06
N ASP A 284 -19.63 -14.79 1.71
CA ASP A 284 -19.81 -14.60 3.14
C ASP A 284 -18.87 -15.49 3.98
N SER A 285 -17.79 -15.94 3.36
CA SER A 285 -16.84 -16.80 4.07
C SER A 285 -15.40 -16.36 3.85
N THR A 286 -15.16 -15.57 2.81
CA THR A 286 -13.80 -15.15 2.51
C THR A 286 -13.30 -14.09 3.49
N SER A 287 -14.22 -13.54 4.29
CA SER A 287 -13.84 -12.60 5.35
C SER A 287 -13.64 -13.26 6.70
N GLU A 288 -13.85 -14.58 6.79
CA GLU A 288 -13.71 -15.27 8.06
C GLU A 288 -12.25 -15.33 8.47
N TYR A 289 -11.98 -15.05 9.74
CA TYR A 289 -10.63 -15.08 10.23
C TYR A 289 -10.21 -16.50 10.58
N LYS A 290 -9.83 -17.27 9.57
CA LYS A 290 -9.39 -18.65 9.74
C LYS A 290 -8.31 -19.00 8.71
N ASP A 291 -7.57 -20.08 8.95
CA ASP A 291 -6.49 -20.50 8.05
C ASP A 291 -5.38 -19.45 7.91
N MET A 292 -4.63 -19.24 8.99
CA MET A 292 -3.70 -18.13 9.09
C MET A 292 -2.64 -18.07 7.99
N ASP A 293 -2.45 -19.17 7.28
CA ASP A 293 -1.45 -19.19 6.23
C ASP A 293 -2.05 -18.82 4.88
N GLU A 294 -3.37 -18.57 4.87
CA GLU A 294 -4.09 -18.16 3.66
C GLU A 294 -4.45 -16.67 3.66
N PRO A 295 -4.33 -16.01 2.50
CA PRO A 295 -4.71 -14.59 2.39
C PRO A 295 -6.19 -14.36 2.65
N ASP A 296 -6.52 -13.15 3.08
CA ASP A 296 -7.90 -12.71 3.20
C ASP A 296 -8.39 -12.27 1.82
N MET A 297 -9.09 -13.15 1.10
CA MET A 297 -9.47 -12.85 -0.27
C MET A 297 -10.58 -11.80 -0.37
N SER A 298 -11.36 -11.61 0.68
CA SER A 298 -12.28 -10.47 0.70
C SER A 298 -11.49 -9.17 0.61
N ASN A 299 -10.42 -9.07 1.40
CA ASN A 299 -9.60 -7.87 1.39
C ASN A 299 -8.79 -7.73 0.12
N VAL A 300 -8.29 -8.86 -0.39
CA VAL A 300 -7.50 -8.83 -1.62
C VAL A 300 -8.36 -8.33 -2.78
N ASN A 301 -9.58 -8.83 -2.88
CA ASN A 301 -10.49 -8.36 -3.92
C ASN A 301 -10.83 -6.88 -3.76
N TYR A 302 -10.99 -6.44 -2.51
CA TYR A 302 -11.29 -5.06 -2.24
C TYR A 302 -10.14 -4.12 -2.60
N TRP A 303 -8.92 -4.48 -2.21
CA TRP A 303 -7.75 -3.69 -2.59
C TRP A 303 -7.64 -3.57 -4.10
N ILE A 304 -7.84 -4.68 -4.80
CA ILE A 304 -7.80 -4.67 -6.25
C ILE A 304 -8.86 -3.72 -6.80
N LEU A 305 -10.06 -3.80 -6.24
CA LEU A 305 -11.16 -2.93 -6.67
C LEU A 305 -10.81 -1.44 -6.56
N ARG A 306 -10.04 -1.08 -5.53
CA ARG A 306 -9.72 0.31 -5.29
C ARG A 306 -8.66 0.79 -6.28
N PHE A 307 -8.15 -0.13 -7.08
CA PHE A 307 -7.23 0.19 -8.16
C PHE A 307 -7.93 0.04 -9.50
N PHE A 308 -9.24 0.27 -9.49
CA PHE A 308 -10.08 0.17 -10.68
C PHE A 308 -9.46 0.78 -11.96
N PRO A 309 -8.91 2.00 -11.86
CA PRO A 309 -8.38 2.67 -13.07
C PRO A 309 -7.28 1.88 -13.80
N PHE A 310 -6.68 0.91 -13.11
CA PHE A 310 -5.65 0.06 -13.71
C PHE A 310 -6.24 -1.22 -14.32
N LEU A 311 -7.51 -1.48 -14.03
CA LEU A 311 -8.17 -2.71 -14.50
C LEU A 311 -8.93 -2.50 -15.79
N TYR A 312 -8.79 -3.43 -16.73
CA TYR A 312 -9.63 -3.42 -17.92
C TYR A 312 -11.11 -3.48 -17.56
N PHE A 313 -11.89 -2.59 -18.17
CA PHE A 313 -13.33 -2.56 -17.98
C PHE A 313 -14.02 -2.27 -19.31
N LYS A 314 -14.88 -3.18 -19.75
CA LYS A 314 -15.51 -3.11 -21.07
C LYS A 314 -16.26 -1.79 -21.33
N LEU A 315 -17.01 -1.34 -20.33
CA LEU A 315 -17.88 -0.19 -20.47
C LEU A 315 -17.16 1.13 -20.77
N ARG A 316 -15.84 1.15 -20.69
CA ARG A 316 -15.12 2.41 -20.91
C ARG A 316 -15.18 2.88 -22.36
N ILE A 317 -15.50 1.95 -23.25
CA ILE A 317 -15.57 2.30 -24.67
C ILE A 317 -16.80 3.16 -24.90
N ASN A 318 -17.89 2.85 -24.21
CA ASN A 318 -19.11 3.64 -24.30
C ASN A 318 -18.96 5.00 -23.64
N TRP A 319 -18.26 5.03 -22.51
CA TRP A 319 -18.06 6.27 -21.78
C TRP A 319 -17.31 7.29 -22.62
N PHE A 320 -16.41 6.79 -23.45
CA PHE A 320 -15.53 7.64 -24.24
C PHE A 320 -16.24 8.13 -25.50
N LYS A 321 -16.91 7.22 -26.19
CA LYS A 321 -17.63 7.54 -27.41
C LYS A 321 -18.72 8.57 -27.13
N ASN A 322 -19.39 8.43 -25.99
CA ASN A 322 -20.48 9.34 -25.64
C ASN A 322 -20.03 10.58 -24.85
N SER A 323 -18.73 10.62 -24.53
CA SER A 323 -18.17 11.75 -23.79
C SER A 323 -18.84 11.97 -22.43
N SER A 324 -19.24 10.87 -21.80
CA SER A 324 -19.94 10.92 -20.51
C SER A 324 -19.10 11.46 -19.35
N LEU A 325 -17.77 11.49 -19.51
CA LEU A 325 -16.91 11.83 -18.38
C LEU A 325 -16.10 13.11 -18.53
N ILE A 326 -16.27 13.78 -19.67
CA ILE A 326 -15.50 14.99 -19.94
C ILE A 326 -15.70 16.03 -18.82
N GLU A 327 -16.94 16.24 -18.39
CA GLU A 327 -17.20 17.18 -17.29
C GLU A 327 -16.52 16.71 -16.00
N SER A 328 -16.54 15.39 -15.75
CA SER A 328 -15.85 14.85 -14.57
C SER A 328 -14.32 15.03 -14.67
N ILE A 329 -13.76 14.73 -15.84
CA ILE A 329 -12.32 14.86 -16.04
C ILE A 329 -11.88 16.31 -15.84
N LEU A 330 -12.63 17.23 -16.42
CA LEU A 330 -12.30 18.65 -16.34
C LEU A 330 -12.57 19.21 -14.95
N GLY A 331 -13.65 18.78 -14.31
CA GLY A 331 -14.01 19.27 -13.00
C GLY A 331 -13.16 18.73 -11.88
N LYS A 332 -12.50 17.61 -12.13
CA LYS A 332 -11.70 16.93 -11.12
C LYS A 332 -10.57 17.80 -10.60
N THR A 333 -10.46 17.94 -9.28
CA THR A 333 -9.37 18.68 -8.67
C THR A 333 -8.28 17.71 -8.21
N ARG A 334 -7.14 18.25 -7.80
CA ARG A 334 -6.01 17.39 -7.44
C ARG A 334 -6.25 16.70 -6.10
N MET A 335 -6.90 17.38 -5.18
CA MET A 335 -7.25 16.80 -3.89
C MET A 335 -8.68 17.21 -3.56
N PRO A 336 -9.25 16.62 -2.51
CA PRO A 336 -10.54 17.08 -1.99
C PRO A 336 -10.43 18.50 -1.45
N LEU A 337 -11.41 19.34 -1.78
CA LEU A 337 -11.37 20.76 -1.46
C LEU A 337 -11.04 21.07 0.01
N ASP A 338 -11.60 20.29 0.93
CA ASP A 338 -11.42 20.55 2.35
C ASP A 338 -10.16 19.89 2.93
N HIS A 339 -9.34 19.30 2.07
CA HIS A 339 -8.11 18.65 2.51
C HIS A 339 -7.04 19.68 2.88
N GLU A 340 -6.11 19.27 3.75
CA GLU A 340 -4.99 20.11 4.20
C GLU A 340 -4.21 20.72 3.03
N TYR A 341 -4.18 20.02 1.92
CA TYR A 341 -3.49 20.45 0.70
C TYR A 341 -3.83 21.90 0.29
N TYR A 342 -5.08 22.32 0.49
CA TYR A 342 -5.49 23.65 0.07
C TYR A 342 -5.44 24.68 1.20
N LYS A 343 -5.24 24.22 2.44
CA LYS A 343 -5.13 25.11 3.59
C LYS A 343 -3.80 25.85 3.57
N LYS A 346 -2.60 26.11 -1.84
CA LYS A 346 -2.47 25.96 -3.28
C LYS A 346 -3.81 26.19 -3.97
N HIS A 347 -3.78 26.31 -5.30
CA HIS A 347 -4.98 26.58 -6.09
C HIS A 347 -4.91 25.82 -7.42
N LYS A 348 -5.99 25.78 -8.19
CA LYS A 348 -7.26 26.42 -7.85
C LYS A 348 -8.00 25.64 -6.77
N ILE A 352 -11.60 26.50 -12.29
CA ILE A 352 -10.97 26.83 -13.57
C ILE A 352 -11.64 26.11 -14.73
N ASP A 353 -12.76 26.67 -15.21
CA ASP A 353 -13.55 26.02 -16.26
C ASP A 353 -12.93 26.21 -17.63
N LEU A 354 -12.06 25.28 -18.03
CA LEU A 354 -11.35 25.38 -19.29
C LEU A 354 -12.31 25.31 -20.48
N LEU A 355 -13.49 24.73 -20.25
CA LEU A 355 -14.49 24.58 -21.30
C LEU A 355 -14.96 25.94 -21.80
N ASP A 356 -15.08 26.90 -20.88
CA ASP A 356 -15.61 28.22 -21.21
C ASP A 356 -14.59 29.32 -20.95
N SER A 357 -13.35 29.10 -21.37
CA SER A 357 -12.28 30.07 -21.18
C SER A 357 -11.52 30.31 -22.48
N GLU A 358 -10.46 31.10 -22.40
CA GLU A 358 -9.58 31.32 -23.54
C GLU A 358 -8.21 30.70 -23.30
N GLU A 359 -8.02 30.13 -22.12
CA GLU A 359 -6.79 29.41 -21.80
C GLU A 359 -6.72 28.11 -22.59
N VAL A 360 -5.54 27.74 -23.06
CA VAL A 360 -5.39 26.54 -23.87
C VAL A 360 -5.40 25.29 -23.00
N ILE A 361 -5.58 24.14 -23.64
CA ILE A 361 -5.52 22.86 -22.94
C ILE A 361 -4.07 22.39 -22.74
N LYS A 362 -3.62 22.39 -21.49
CA LYS A 362 -2.28 21.93 -21.18
C LYS A 362 -2.16 20.40 -21.20
N ASP A 363 -0.92 19.91 -21.26
CA ASP A 363 -0.65 18.48 -21.24
C ASP A 363 -1.17 17.78 -19.98
N THR A 364 -1.10 18.47 -18.85
CA THR A 364 -1.53 17.89 -17.58
C THR A 364 -3.03 17.63 -17.59
N VAL A 365 -3.76 18.39 -18.40
CA VAL A 365 -5.20 18.17 -18.52
C VAL A 365 -5.49 16.95 -19.37
N LEU A 366 -4.65 16.72 -20.38
CA LEU A 366 -4.82 15.55 -21.24
C LEU A 366 -4.35 14.26 -20.55
N GLU A 367 -3.68 14.40 -19.40
CA GLU A 367 -3.22 13.26 -18.62
C GLU A 367 -4.22 12.86 -17.53
N LYS A 368 -5.15 13.76 -17.23
CA LYS A 368 -6.11 13.52 -16.17
C LYS A 368 -7.03 12.38 -16.54
N THR A 369 -7.55 11.67 -15.54
CA THR A 369 -8.52 10.62 -15.79
C THR A 369 -9.62 10.59 -14.74
N PHE A 370 -10.73 9.97 -15.10
CA PHE A 370 -11.81 9.68 -14.16
C PHE A 370 -12.35 8.31 -14.52
N LEU A 371 -12.43 7.43 -13.52
CA LEU A 371 -12.82 6.04 -13.76
C LEU A 371 -11.93 5.39 -14.82
N GLY A 372 -10.67 5.82 -14.88
CA GLY A 372 -9.69 5.22 -15.77
C GLY A 372 -9.75 5.70 -17.21
N THR A 373 -10.66 6.63 -17.48
CA THR A 373 -10.82 7.23 -18.79
C THR A 373 -10.16 8.62 -18.84
N SER A 374 -9.53 8.94 -19.97
CA SER A 374 -8.96 10.26 -20.17
C SER A 374 -9.72 11.00 -21.26
N LEU A 375 -9.36 12.26 -21.52
CA LEU A 375 -9.97 12.99 -22.64
C LEU A 375 -9.54 12.37 -23.97
N GLY A 376 -8.29 11.93 -24.04
CA GLY A 376 -7.73 11.34 -25.24
C GLY A 376 -8.09 9.89 -25.56
N GLN A 377 -8.32 9.06 -24.55
CA GLN A 377 -8.63 7.65 -24.80
C GLN A 377 -9.50 7.01 -23.72
N PRO A 378 -10.25 5.97 -24.11
CA PRO A 378 -11.18 5.24 -23.24
C PRO A 378 -10.51 4.71 -21.95
N TRP A 379 -9.36 4.06 -22.10
CA TRP A 379 -8.64 3.46 -20.96
C TRP A 379 -7.18 3.92 -20.98
N LYS A 380 -6.85 4.94 -20.20
CA LYS A 380 -5.55 5.58 -20.33
C LYS A 380 -4.37 4.65 -20.02
N PHE A 381 -4.61 3.62 -19.22
CA PHE A 381 -3.51 2.78 -18.77
C PHE A 381 -3.27 1.63 -19.75
N GLN A 382 -4.23 1.39 -20.65
CA GLN A 382 -4.12 0.34 -21.66
C GLN A 382 -2.74 0.30 -22.31
N GLY A 383 -2.13 -0.87 -22.32
CA GLY A 383 -0.83 -1.06 -22.94
C GLY A 383 0.36 -0.76 -22.05
N LYS A 384 0.08 -0.34 -20.82
CA LYS A 384 1.17 -0.06 -19.87
C LYS A 384 1.32 -1.15 -18.83
N ASN A 385 2.41 -1.08 -18.07
CA ASN A 385 2.61 -1.94 -16.91
C ASN A 385 2.79 -1.13 -15.65
N ALA A 386 2.51 -1.76 -14.51
CA ALA A 386 2.73 -1.13 -13.21
C ALA A 386 2.72 -2.21 -12.13
N ILE A 387 3.57 -2.02 -11.11
CA ILE A 387 3.73 -2.99 -10.05
C ILE A 387 3.16 -2.46 -8.76
N LEU A 388 2.39 -3.29 -8.06
CA LEU A 388 1.83 -2.87 -6.78
C LEU A 388 2.31 -3.74 -5.63
N VAL A 389 3.00 -3.14 -4.67
CA VAL A 389 3.43 -3.90 -3.51
C VAL A 389 2.65 -3.46 -2.27
N LEU A 390 1.86 -4.38 -1.72
CA LEU A 390 1.15 -4.15 -0.48
C LEU A 390 1.82 -4.86 0.69
N ALA A 391 2.29 -4.10 1.67
CA ALA A 391 2.78 -4.69 2.90
C ALA A 391 1.79 -4.41 4.03
N ASN A 392 0.96 -5.39 4.36
CA ASN A 392 0.00 -5.22 5.44
C ASN A 392 0.41 -6.01 6.68
N ARG A 393 0.27 -5.40 7.86
CA ARG A 393 0.59 -6.09 9.11
C ARG A 393 -0.46 -7.15 9.46
N CYS A 394 -0.10 -8.05 10.37
CA CYS A 394 -1.02 -9.06 10.89
C CYS A 394 -1.20 -8.86 12.39
N GLY A 395 -1.95 -9.75 13.03
CA GLY A 395 -2.16 -9.64 14.45
C GLY A 395 -3.40 -8.87 14.86
N THR A 396 -3.47 -8.53 16.15
CA THR A 396 -4.67 -8.01 16.79
C THR A 396 -4.28 -6.97 17.83
N GLU A 397 -5.10 -5.95 18.02
CA GLU A 397 -4.86 -5.00 19.12
C GLU A 397 -6.14 -4.61 19.84
N ASP A 398 -6.01 -4.27 21.12
CA ASP A 398 -7.11 -3.79 21.95
C ASP A 398 -8.27 -4.79 22.11
N GLY A 399 -8.07 -6.02 21.65
CA GLY A 399 -9.13 -7.03 21.67
C GLY A 399 -10.32 -6.68 20.79
N THR A 400 -10.16 -5.72 19.89
CA THR A 400 -11.25 -5.26 19.02
C THR A 400 -10.88 -5.23 17.54
N THR A 401 -9.57 -5.24 17.26
CA THR A 401 -9.07 -4.95 15.93
C THR A 401 -8.23 -6.09 15.39
N ILE A 402 -8.61 -6.60 14.21
CA ILE A 402 -7.89 -7.69 13.59
C ILE A 402 -7.36 -7.29 12.23
N PHE A 403 -6.04 -7.12 12.12
CA PHE A 403 -5.47 -6.76 10.83
C PHE A 403 -5.46 -7.97 9.90
N ALA A 404 -5.58 -7.70 8.61
CA ALA A 404 -5.87 -8.73 7.62
C ALA A 404 -4.63 -9.42 7.04
N GLY A 405 -3.44 -9.00 7.45
CA GLY A 405 -2.23 -9.52 6.82
C GLY A 405 -2.33 -9.56 5.31
N SER A 406 -1.93 -10.68 4.72
CA SER A 406 -2.10 -10.95 3.29
C SER A 406 -1.27 -10.05 2.38
N SER A 407 -0.15 -9.56 2.89
CA SER A 407 0.84 -8.84 2.09
C SER A 407 1.05 -9.53 0.77
N GLY A 408 1.23 -8.76 -0.29
CA GLY A 408 1.29 -9.32 -1.62
C GLY A 408 1.85 -8.40 -2.69
N ILE A 409 2.11 -9.00 -3.84
CA ILE A 409 2.69 -8.30 -4.97
C ILE A 409 1.79 -8.52 -6.19
N TYR A 410 1.56 -7.45 -6.95
CA TYR A 410 0.64 -7.51 -8.08
C TYR A 410 1.20 -6.78 -9.28
N LYS A 411 0.78 -7.24 -10.46
CA LYS A 411 1.18 -6.59 -11.69
C LYS A 411 -0.06 -6.24 -12.48
N PHE A 412 -0.18 -4.97 -12.84
CA PHE A 412 -1.20 -4.53 -13.78
C PHE A 412 -0.59 -4.53 -15.17
N ASN A 413 -1.15 -5.32 -16.07
CA ASN A 413 -0.52 -5.57 -17.37
C ASN A 413 -1.05 -4.72 -18.52
N GLY A 414 -2.17 -4.05 -18.29
CA GLY A 414 -2.78 -3.19 -19.29
C GLY A 414 -3.29 -3.93 -20.52
N LYS A 415 -3.45 -5.26 -20.40
CA LYS A 415 -3.88 -6.07 -21.54
C LYS A 415 -5.40 -6.12 -21.62
N LYS A 416 -5.92 -6.10 -22.85
CA LYS A 416 -7.36 -6.19 -23.08
C LYS A 416 -7.76 -7.59 -23.51
N SER A 426 -14.67 -6.70 -17.21
CA SER A 426 -16.02 -6.87 -16.68
C SER A 426 -16.01 -7.20 -15.17
N SER A 427 -15.06 -8.03 -14.74
CA SER A 427 -14.98 -8.40 -13.33
C SER A 427 -14.20 -7.37 -12.52
N LEU A 428 -14.73 -6.99 -11.37
CA LEU A 428 -14.09 -5.98 -10.53
C LEU A 428 -13.38 -6.62 -9.32
N ASP A 429 -12.75 -7.77 -9.54
CA ASP A 429 -12.04 -8.45 -8.46
C ASP A 429 -10.83 -9.19 -9.00
N SER A 430 -10.36 -10.20 -8.26
CA SER A 430 -9.20 -10.97 -8.69
C SER A 430 -9.47 -11.83 -9.92
N LEU A 431 -10.74 -11.94 -10.32
CA LEU A 431 -11.09 -12.68 -11.55
C LEU A 431 -10.60 -11.94 -12.80
N ASN A 432 -10.47 -10.63 -12.71
CA ASN A 432 -10.05 -9.80 -13.83
C ASN A 432 -8.61 -10.08 -14.22
N GLU A 433 -8.38 -10.50 -15.46
CA GLU A 433 -7.05 -10.95 -15.86
C GLU A 433 -6.15 -9.81 -16.26
N SER A 434 -6.62 -8.57 -16.10
CA SER A 434 -5.75 -7.42 -16.32
C SER A 434 -4.86 -7.19 -15.10
N VAL A 435 -5.16 -7.84 -13.99
CA VAL A 435 -4.19 -7.85 -12.90
C VAL A 435 -3.67 -9.27 -12.65
N GLU A 436 -2.37 -9.36 -12.39
CA GLU A 436 -1.73 -10.65 -12.09
C GLU A 436 -1.34 -10.72 -10.61
N LEU A 437 -1.72 -11.81 -9.96
CA LEU A 437 -1.40 -12.03 -8.55
C LEU A 437 -0.12 -12.84 -8.39
N LEU A 438 0.98 -12.15 -8.12
CA LEU A 438 2.30 -12.77 -8.14
C LEU A 438 2.65 -13.49 -6.83
N GLY A 439 1.81 -13.31 -5.81
CA GLY A 439 1.98 -14.03 -4.56
C GLY A 439 1.42 -13.28 -3.37
N ASN A 440 0.94 -14.02 -2.36
CA ASN A 440 0.48 -13.42 -1.12
C ASN A 440 0.88 -14.24 0.11
N LEU A 441 1.15 -13.55 1.21
CA LEU A 441 1.32 -14.22 2.49
C LEU A 441 -0.06 -14.50 3.09
N GLY A 442 -0.07 -15.21 4.21
CA GLY A 442 -1.31 -15.57 4.88
C GLY A 442 -1.87 -14.40 5.66
N LYS A 443 -3.10 -14.56 6.13
CA LYS A 443 -3.80 -13.45 6.78
C LYS A 443 -3.33 -13.20 8.21
N GLY A 444 -2.53 -14.10 8.78
CA GLY A 444 -2.22 -13.97 10.18
C GLY A 444 -0.90 -14.51 10.72
N LEU A 445 0.11 -14.66 9.87
CA LEU A 445 1.43 -15.05 10.36
C LEU A 445 2.46 -14.02 9.93
N GLU A 446 3.37 -13.66 10.84
CA GLU A 446 4.55 -12.88 10.48
C GLU A 446 5.30 -13.66 9.41
N GLY A 447 5.97 -12.96 8.51
CA GLY A 447 6.69 -13.63 7.44
C GLY A 447 7.27 -12.68 6.41
N ALA A 448 7.64 -13.24 5.28
CA ALA A 448 8.25 -12.48 4.21
C ALA A 448 7.92 -13.16 2.89
N ILE A 449 7.86 -12.37 1.83
CA ILE A 449 7.68 -12.94 0.51
C ILE A 449 8.58 -12.21 -0.49
N LEU A 450 9.25 -12.99 -1.33
CA LEU A 450 10.11 -12.43 -2.36
C LEU A 450 9.60 -12.87 -3.73
N ARG A 451 9.66 -11.95 -4.68
CA ARG A 451 9.26 -12.27 -6.03
C ARG A 451 10.13 -11.51 -7.03
N GLU A 452 10.52 -12.19 -8.10
CA GLU A 452 11.10 -11.51 -9.22
C GLU A 452 9.95 -10.99 -10.06
N VAL A 453 9.86 -9.67 -10.20
CA VAL A 453 8.77 -9.08 -10.97
C VAL A 453 9.31 -8.54 -12.29
N GLN A 454 8.68 -8.95 -13.37
CA GLN A 454 9.10 -8.48 -14.69
C GLN A 454 7.98 -7.71 -15.38
N PHE A 455 8.35 -6.58 -15.95
CA PHE A 455 7.40 -5.67 -16.58
C PHE A 455 8.13 -4.73 -17.53
N GLU A 456 7.40 -3.97 -18.33
CA GLU A 456 8.03 -3.05 -19.26
C GLU A 456 7.67 -1.60 -18.97
N VAL A 457 8.59 -0.70 -19.29
CA VAL A 457 8.36 0.74 -19.19
C VAL A 457 8.76 1.41 -20.51
N PHE A 458 8.53 2.71 -20.62
CA PHE A 458 8.92 3.45 -21.82
C PHE A 458 9.78 4.66 -21.49
N ARG A 459 10.80 4.89 -22.30
CA ARG A 459 11.75 5.97 -22.05
C ARG A 459 12.08 6.75 -23.32
#